data_5VJJ
#
_entry.id   5VJJ
#
_cell.length_a   88.937
_cell.length_b   88.937
_cell.length_c   45.782
_cell.angle_alpha   90.00
_cell.angle_beta   90.00
_cell.angle_gamma   90.00
#
_symmetry.space_group_name_H-M   'P 43 21 2'
#
loop_
_entity.id
_entity.type
_entity.pdbx_description
1 polymer 'Avirulence protein AvrP123'
2 non-polymer 'ZINC ION'
#
_entity_poly.entity_id   1
_entity_poly.type   'polypeptide(L)'
_entity_poly.pdbx_seq_one_letter_code
;SNAQSNPNQELGVVQCLCRRIAPLTQPPFGVRCRATLNCPCDYIGDCPGPAEQYMYRCPNCGPRSHVACSGVHQGTCQQV
HPGKDSVEYGG
;
_entity_poly.pdbx_strand_id   A,B
#
loop_
_chem_comp.id
_chem_comp.type
_chem_comp.name
_chem_comp.formula
ZN non-polymer 'ZINC ION' 'Zn 2'
#
# COMPACT_ATOMS: atom_id res chain seq x y z
N ASN A 6 19.22 4.53 -36.77
CA ASN A 6 18.73 3.41 -35.98
C ASN A 6 17.27 3.60 -35.59
N PRO A 7 16.53 2.51 -35.45
CA PRO A 7 15.15 2.62 -34.97
C PRO A 7 15.10 2.87 -33.48
N ASN A 8 14.07 3.60 -33.05
CA ASN A 8 13.89 3.84 -31.63
C ASN A 8 13.57 2.54 -30.90
N GLN A 9 13.96 2.47 -29.64
CA GLN A 9 13.67 1.32 -28.77
C GLN A 9 12.67 1.76 -27.71
N GLU A 10 11.43 1.30 -27.83
CA GLU A 10 10.40 1.66 -26.86
C GLU A 10 10.64 0.94 -25.54
N LEU A 11 10.50 1.70 -24.45
CA LEU A 11 10.50 1.15 -23.11
C LEU A 11 9.18 1.49 -22.43
N GLY A 12 8.67 0.54 -21.65
CA GLY A 12 7.43 0.72 -20.95
C GLY A 12 7.52 1.79 -19.90
N VAL A 13 6.37 2.06 -19.28
CA VAL A 13 6.28 2.99 -18.18
C VAL A 13 5.69 2.25 -16.98
N VAL A 14 5.89 2.82 -15.80
CA VAL A 14 5.44 2.19 -14.56
C VAL A 14 5.09 3.29 -13.58
N GLN A 15 4.23 2.94 -12.62
CA GLN A 15 3.92 3.84 -11.52
C GLN A 15 4.99 3.70 -10.44
N CYS A 16 5.65 4.81 -10.12
CA CYS A 16 6.63 4.83 -9.05
C CYS A 16 5.92 4.70 -7.70
N LEU A 17 6.70 4.37 -6.67
CA LEU A 17 6.12 4.26 -5.34
C LEU A 17 5.51 5.57 -4.86
N CYS A 18 6.00 6.69 -5.38
CA CYS A 18 5.37 7.98 -5.10
C CYS A 18 4.09 8.20 -5.92
N ARG A 19 3.75 7.24 -6.78
CA ARG A 19 2.54 7.15 -7.59
C ARG A 19 2.65 7.90 -8.91
N ARG A 20 3.73 8.64 -9.16
CA ARG A 20 3.93 9.26 -10.46
C ARG A 20 4.26 8.20 -11.50
N ILE A 21 4.04 8.54 -12.76
CA ILE A 21 4.37 7.64 -13.86
C ILE A 21 5.83 7.85 -14.23
N ALA A 22 6.59 6.75 -14.28
CA ALA A 22 8.02 6.79 -14.54
C ALA A 22 8.36 5.91 -15.72
N PRO A 23 9.39 6.27 -16.48
CA PRO A 23 9.84 5.41 -17.59
C PRO A 23 10.76 4.31 -17.08
N LEU A 24 10.43 3.08 -17.43
CA LEU A 24 11.36 1.97 -17.21
C LEU A 24 12.63 2.20 -18.01
N THR A 25 13.77 1.87 -17.41
CA THR A 25 15.04 1.94 -18.12
C THR A 25 15.49 0.59 -18.68
N GLN A 26 14.90 -0.50 -18.20
CA GLN A 26 15.01 -1.81 -18.84
C GLN A 26 13.71 -2.55 -18.59
N PRO A 27 13.41 -3.58 -19.37
CA PRO A 27 12.18 -4.35 -19.14
C PRO A 27 12.19 -4.97 -17.75
N PRO A 28 11.02 -5.28 -17.19
CA PRO A 28 11.00 -5.98 -15.90
C PRO A 28 11.69 -7.33 -16.02
N PHE A 29 12.43 -7.69 -14.97
CA PHE A 29 13.15 -8.95 -14.93
C PHE A 29 12.85 -9.70 -13.63
N GLY A 30 12.80 -11.02 -13.73
CA GLY A 30 12.47 -11.85 -12.58
C GLY A 30 13.54 -11.80 -11.51
N VAL A 31 13.10 -11.99 -10.26
CA VAL A 31 13.99 -11.91 -9.11
C VAL A 31 13.45 -12.82 -8.01
N ARG A 32 14.28 -13.07 -7.00
CA ARG A 32 13.84 -13.77 -5.81
C ARG A 32 12.90 -12.87 -5.01
N CYS A 33 11.78 -13.44 -4.56
CA CYS A 33 10.88 -12.75 -3.66
C CYS A 33 11.36 -12.96 -2.22
N ARG A 34 11.56 -11.87 -1.50
CA ARG A 34 12.09 -11.90 -0.14
C ARG A 34 11.01 -11.79 0.94
N ALA A 35 9.74 -11.75 0.55
CA ALA A 35 8.68 -11.63 1.54
C ALA A 35 8.65 -12.84 2.46
N THR A 36 8.20 -12.63 3.70
CA THR A 36 7.94 -13.72 4.63
C THR A 36 6.50 -14.16 4.54
N LEU A 37 6.26 -15.44 4.78
CA LEU A 37 4.94 -16.04 4.64
C LEU A 37 4.23 -16.10 5.98
N ASN A 38 2.90 -15.98 5.92
CA ASN A 38 2.05 -16.08 7.11
C ASN A 38 0.91 -17.04 6.81
N CYS A 39 1.05 -18.27 7.26
CA CYS A 39 0.00 -19.27 7.24
C CYS A 39 -0.39 -19.61 8.67
N PRO A 40 -1.58 -20.18 8.88
CA PRO A 40 -2.05 -20.41 10.27
C PRO A 40 -1.16 -21.37 11.06
N CYS A 41 -0.19 -22.02 10.43
CA CYS A 41 0.72 -22.93 11.13
C CYS A 41 2.12 -22.31 11.19
N ASP A 42 3.08 -23.13 11.60
CA ASP A 42 4.46 -22.68 11.83
C ASP A 42 5.37 -22.93 10.64
N TYR A 43 4.81 -23.12 9.44
CA TYR A 43 5.62 -23.40 8.28
C TYR A 43 6.57 -22.23 7.98
N ILE A 44 7.79 -22.56 7.59
CA ILE A 44 8.79 -21.58 7.18
C ILE A 44 9.19 -21.91 5.75
N GLY A 45 9.33 -20.89 4.92
CA GLY A 45 9.69 -21.13 3.53
C GLY A 45 9.73 -19.84 2.74
N ASP A 46 10.40 -19.91 1.59
CA ASP A 46 10.50 -18.78 0.68
C ASP A 46 9.33 -18.78 -0.29
N CYS A 47 8.90 -17.59 -0.68
CA CYS A 47 7.92 -17.46 -1.75
C CYS A 47 8.54 -17.89 -3.07
N PRO A 48 7.94 -18.83 -3.81
CA PRO A 48 8.49 -19.22 -5.12
C PRO A 48 8.26 -18.19 -6.22
N GLY A 49 7.61 -17.07 -5.94
CA GLY A 49 7.29 -16.10 -6.98
C GLY A 49 5.95 -16.41 -7.62
N PRO A 50 5.71 -15.86 -8.83
CA PRO A 50 6.64 -15.06 -9.62
C PRO A 50 6.81 -13.61 -9.12
N ALA A 51 8.06 -13.15 -9.08
CA ALA A 51 8.37 -11.80 -8.68
C ALA A 51 9.22 -11.13 -9.75
N GLU A 52 9.03 -9.82 -9.91
CA GLU A 52 9.75 -9.03 -10.91
C GLU A 52 10.24 -7.75 -10.29
N GLN A 53 11.36 -7.26 -10.80
CA GLN A 53 11.95 -6.00 -10.37
C GLN A 53 11.82 -4.96 -11.48
N TYR A 54 11.52 -3.73 -11.08
CA TYR A 54 11.31 -2.63 -12.01
C TYR A 54 12.39 -1.59 -11.79
N MET A 55 13.07 -1.21 -12.88
CA MET A 55 14.07 -0.16 -12.88
C MET A 55 13.51 1.01 -13.68
N TYR A 56 13.44 2.18 -13.06
CA TYR A 56 12.90 3.35 -13.74
C TYR A 56 13.58 4.61 -13.22
N ARG A 57 13.29 5.72 -13.88
CA ARG A 57 13.86 7.03 -13.57
C ARG A 57 12.69 7.98 -13.35
N CYS A 58 12.28 8.13 -12.09
CA CYS A 58 11.10 8.94 -11.79
C CYS A 58 11.42 10.43 -11.96
N PRO A 59 10.56 11.21 -12.64
CA PRO A 59 10.84 12.64 -12.76
C PRO A 59 10.95 13.35 -11.42
N ASN A 60 10.31 12.81 -10.39
CA ASN A 60 10.41 13.36 -9.04
C ASN A 60 11.55 12.72 -8.26
N CYS A 61 11.53 11.41 -8.13
CA CYS A 61 12.46 10.69 -7.27
C CYS A 61 13.79 10.37 -7.93
N GLY A 62 13.92 10.55 -9.24
CA GLY A 62 15.10 10.11 -9.94
C GLY A 62 15.21 8.60 -9.96
N PRO A 63 16.40 8.07 -10.22
CA PRO A 63 16.59 6.61 -10.30
C PRO A 63 15.99 5.87 -9.11
N ARG A 64 15.09 4.92 -9.37
CA ARG A 64 14.45 4.18 -8.29
C ARG A 64 14.02 2.81 -8.80
N SER A 65 13.73 1.91 -7.86
CA SER A 65 13.39 0.53 -8.17
C SER A 65 12.52 -0.05 -7.07
N HIS A 66 11.71 -1.05 -7.44
CA HIS A 66 10.94 -1.82 -6.47
C HIS A 66 10.54 -3.14 -7.11
N VAL A 67 10.18 -4.10 -6.25
CA VAL A 67 9.87 -5.46 -6.68
C VAL A 67 8.39 -5.73 -6.44
N ALA A 68 7.80 -6.50 -7.36
CA ALA A 68 6.40 -6.91 -7.26
C ALA A 68 6.32 -8.42 -7.44
N CYS A 69 5.37 -9.04 -6.74
CA CYS A 69 5.27 -10.49 -6.69
C CYS A 69 3.80 -10.90 -6.74
N SER A 70 3.52 -11.94 -7.51
CA SER A 70 2.18 -12.49 -7.63
C SER A 70 1.97 -13.74 -6.78
N GLY A 71 3.00 -14.22 -6.10
CA GLY A 71 2.84 -15.34 -5.19
C GLY A 71 1.91 -15.01 -4.04
N VAL A 72 1.50 -16.06 -3.34
CA VAL A 72 0.63 -15.92 -2.18
C VAL A 72 1.50 -15.81 -0.94
N HIS A 73 1.42 -14.67 -0.25
CA HIS A 73 2.19 -14.44 0.96
C HIS A 73 1.38 -14.66 2.23
N GLN A 74 0.07 -14.42 2.20
CA GLN A 74 -0.79 -14.66 3.35
C GLN A 74 -2.00 -15.48 2.92
N GLY A 75 -2.49 -16.30 3.84
CA GLY A 75 -3.67 -17.10 3.58
C GLY A 75 -3.59 -18.42 4.31
N THR A 76 -4.41 -19.36 3.85
CA THR A 76 -4.45 -20.68 4.46
C THR A 76 -3.18 -21.46 4.14
N CYS A 77 -3.02 -22.60 4.81
CA CYS A 77 -1.88 -23.46 4.55
C CYS A 77 -1.90 -23.99 3.12
N GLN A 78 -3.08 -24.22 2.57
CA GLN A 78 -3.17 -24.71 1.18
C GLN A 78 -2.77 -23.63 0.18
N GLN A 79 -3.08 -22.37 0.47
CA GLN A 79 -2.78 -21.29 -0.45
C GLN A 79 -1.29 -20.91 -0.42
N VAL A 80 -0.70 -20.82 0.77
CA VAL A 80 0.69 -20.39 0.88
C VAL A 80 1.64 -21.50 0.46
N HIS A 81 1.48 -22.70 1.02
CA HIS A 81 2.41 -23.82 0.81
C HIS A 81 1.63 -25.08 0.43
N PRO A 82 1.29 -25.24 -0.85
CA PRO A 82 0.60 -26.46 -1.29
C PRO A 82 1.49 -27.70 -1.22
N ASN B 8 -22.26 22.92 -5.76
CA ASN B 8 -22.12 21.75 -4.89
C ASN B 8 -21.28 20.67 -5.56
N GLN B 9 -20.39 20.07 -4.78
CA GLN B 9 -19.40 19.14 -5.29
C GLN B 9 -19.88 17.70 -5.12
N GLU B 10 -19.28 16.82 -5.92
CA GLU B 10 -19.49 15.39 -5.74
C GLU B 10 -19.09 14.98 -4.34
N LEU B 11 -19.99 14.30 -3.65
CA LEU B 11 -19.73 13.73 -2.32
C LEU B 11 -19.94 12.23 -2.40
N GLY B 12 -18.94 11.47 -1.96
CA GLY B 12 -18.98 10.04 -2.07
C GLY B 12 -19.82 9.39 -1.00
N VAL B 13 -19.53 8.11 -0.78
CA VAL B 13 -20.10 7.34 0.32
C VAL B 13 -18.97 6.61 1.02
N VAL B 14 -19.23 6.22 2.26
CA VAL B 14 -18.22 5.57 3.08
C VAL B 14 -18.95 4.63 4.04
N GLN B 15 -18.23 3.61 4.50
CA GLN B 15 -18.80 2.68 5.47
C GLN B 15 -18.61 3.26 6.86
N CYS B 16 -19.73 3.46 7.56
CA CYS B 16 -19.68 3.91 8.93
C CYS B 16 -19.01 2.86 9.81
N LEU B 17 -18.54 3.31 10.97
CA LEU B 17 -17.96 2.37 11.93
C LEU B 17 -18.96 1.29 12.34
N CYS B 18 -20.26 1.58 12.26
CA CYS B 18 -21.26 0.58 12.58
C CYS B 18 -21.46 -0.41 11.43
N ARG B 19 -20.81 -0.17 10.28
CA ARG B 19 -20.76 -0.98 9.07
C ARG B 19 -21.83 -0.57 8.05
N ARG B 20 -22.80 0.25 8.44
CA ARG B 20 -23.71 0.81 7.45
C ARG B 20 -22.95 1.61 6.39
N ILE B 21 -23.52 1.68 5.20
CA ILE B 21 -23.03 2.60 4.19
C ILE B 21 -23.64 3.98 4.47
N ALA B 22 -22.78 4.99 4.56
CA ALA B 22 -23.21 6.31 5.00
C ALA B 22 -22.78 7.38 3.99
N PRO B 23 -23.63 8.37 3.73
CA PRO B 23 -23.27 9.43 2.79
C PRO B 23 -22.37 10.49 3.44
N LEU B 24 -21.28 10.83 2.77
CA LEU B 24 -20.48 11.97 3.18
C LEU B 24 -21.31 13.25 3.09
N THR B 25 -21.13 14.12 4.09
CA THR B 25 -21.76 15.43 4.10
C THR B 25 -20.79 16.54 3.75
N GLN B 26 -19.51 16.22 3.57
CA GLN B 26 -18.52 17.14 3.05
C GLN B 26 -17.41 16.32 2.42
N PRO B 27 -16.59 16.93 1.56
CA PRO B 27 -15.57 16.15 0.85
C PRO B 27 -14.51 15.65 1.81
N PRO B 28 -13.97 14.45 1.57
CA PRO B 28 -12.86 13.98 2.40
C PRO B 28 -11.69 14.95 2.33
N PHE B 29 -11.02 15.13 3.48
CA PHE B 29 -9.85 15.97 3.54
C PHE B 29 -8.69 15.19 4.17
N GLY B 30 -7.47 15.54 3.76
CA GLY B 30 -6.29 14.88 4.28
C GLY B 30 -5.93 15.37 5.67
N VAL B 31 -5.36 14.45 6.46
CA VAL B 31 -5.01 14.74 7.85
C VAL B 31 -3.74 13.99 8.21
N ARG B 32 -3.04 14.48 9.23
CA ARG B 32 -1.94 13.73 9.82
C ARG B 32 -2.50 12.50 10.52
N CYS B 33 -1.97 11.33 10.15
CA CYS B 33 -2.32 10.10 10.86
C CYS B 33 -1.67 10.11 12.26
N ARG B 34 -2.50 10.00 13.29
CA ARG B 34 -2.01 9.98 14.67
C ARG B 34 -1.60 8.59 15.15
N ALA B 35 -1.69 7.57 14.30
CA ALA B 35 -1.34 6.22 14.70
C ALA B 35 0.16 6.10 14.98
N THR B 36 0.51 5.08 15.76
CA THR B 36 1.89 4.79 16.11
C THR B 36 2.36 3.54 15.37
N LEU B 37 3.68 3.44 15.22
CA LEU B 37 4.29 2.45 14.35
C LEU B 37 4.94 1.33 15.16
N ASN B 38 4.95 0.14 14.57
CA ASN B 38 5.68 -1.01 15.12
C ASN B 38 6.55 -1.57 13.99
N CYS B 39 7.86 -1.47 14.16
CA CYS B 39 8.83 -2.09 13.26
C CYS B 39 9.73 -2.98 14.10
N PRO B 40 10.56 -3.83 13.50
CA PRO B 40 11.37 -4.75 14.31
C PRO B 40 12.57 -4.10 14.99
N CYS B 41 12.79 -2.80 14.81
CA CYS B 41 13.84 -2.10 15.54
C CYS B 41 13.19 -1.27 16.65
N ASP B 42 13.93 -0.30 17.19
CA ASP B 42 13.46 0.56 18.27
C ASP B 42 12.96 1.91 17.76
N TYR B 43 12.79 2.06 16.45
CA TYR B 43 12.41 3.34 15.87
C TYR B 43 11.14 3.89 16.52
N ILE B 44 11.09 5.20 16.67
CA ILE B 44 9.89 5.91 17.10
C ILE B 44 9.62 7.02 16.08
N GLY B 45 8.40 7.06 15.56
CA GLY B 45 8.05 8.06 14.58
C GLY B 45 6.58 8.04 14.25
N ASP B 46 6.13 9.12 13.63
CA ASP B 46 4.74 9.26 13.22
C ASP B 46 4.49 8.57 11.88
N CYS B 47 3.23 8.31 11.60
CA CYS B 47 2.86 7.69 10.33
C CYS B 47 2.84 8.74 9.22
N PRO B 48 3.51 8.51 8.09
CA PRO B 48 3.52 9.51 7.03
C PRO B 48 2.22 9.58 6.25
N GLY B 49 1.27 8.68 6.49
CA GLY B 49 0.04 8.63 5.73
C GLY B 49 0.14 7.69 4.55
N PRO B 50 -0.68 7.90 3.51
CA PRO B 50 -1.67 8.97 3.35
C PRO B 50 -2.94 8.70 4.15
N ALA B 51 -3.46 9.72 4.82
CA ALA B 51 -4.62 9.59 5.68
C ALA B 51 -5.65 10.65 5.31
N GLU B 52 -6.92 10.25 5.36
CA GLU B 52 -8.05 11.12 5.07
C GLU B 52 -9.07 11.00 6.19
N GLN B 53 -9.84 12.07 6.37
CA GLN B 53 -10.93 12.08 7.34
C GLN B 53 -12.26 12.22 6.63
N TYR B 54 -13.27 11.55 7.17
CA TYR B 54 -14.60 11.49 6.57
C TYR B 54 -15.62 12.02 7.56
N MET B 55 -16.58 12.78 7.05
CA MET B 55 -17.70 13.28 7.82
C MET B 55 -18.98 12.90 7.09
N TYR B 56 -19.82 12.08 7.73
CA TYR B 56 -20.97 11.49 7.07
C TYR B 56 -22.13 11.47 8.04
N ARG B 57 -23.31 11.22 7.49
CA ARG B 57 -24.55 11.11 8.26
C ARG B 57 -25.05 9.69 8.09
N CYS B 58 -24.61 8.80 8.97
CA CYS B 58 -25.08 7.43 8.94
C CYS B 58 -26.59 7.38 9.19
N PRO B 59 -27.34 6.58 8.43
CA PRO B 59 -28.77 6.46 8.72
C PRO B 59 -29.08 5.87 10.09
N ASN B 60 -28.08 5.29 10.76
CA ASN B 60 -28.24 4.74 12.10
C ASN B 60 -27.60 5.60 13.18
N CYS B 61 -26.36 6.04 12.97
CA CYS B 61 -25.62 6.75 14.01
C CYS B 61 -25.77 8.26 13.94
N GLY B 62 -26.35 8.79 12.87
CA GLY B 62 -26.35 10.22 12.66
C GLY B 62 -24.98 10.72 12.23
N PRO B 63 -24.73 12.01 12.42
CA PRO B 63 -23.42 12.57 12.07
C PRO B 63 -22.28 11.87 12.80
N ARG B 64 -21.29 11.43 12.03
CA ARG B 64 -20.15 10.72 12.59
C ARG B 64 -18.95 10.91 11.67
N SER B 65 -17.76 10.62 12.19
CA SER B 65 -16.52 10.90 11.48
C SER B 65 -15.43 9.95 11.95
N HIS B 66 -14.57 9.53 11.02
CA HIS B 66 -13.40 8.71 11.34
C HIS B 66 -12.32 8.97 10.31
N VAL B 67 -11.11 8.51 10.62
CA VAL B 67 -9.95 8.68 9.76
C VAL B 67 -9.52 7.32 9.25
N ALA B 68 -9.12 7.28 7.98
CA ALA B 68 -8.57 6.08 7.35
C ALA B 68 -7.19 6.40 6.81
N CYS B 69 -6.27 5.44 6.94
CA CYS B 69 -4.88 5.64 6.56
C CYS B 69 -4.38 4.44 5.76
N SER B 70 -3.74 4.71 4.63
CA SER B 70 -3.13 3.67 3.80
C SER B 70 -1.65 3.52 4.08
N GLY B 71 -1.14 4.16 5.13
CA GLY B 71 0.25 3.99 5.49
C GLY B 71 0.51 2.66 6.17
N VAL B 72 1.79 2.34 6.30
CA VAL B 72 2.23 1.09 6.92
C VAL B 72 2.44 1.36 8.41
N HIS B 73 1.51 0.90 9.24
CA HIS B 73 1.66 1.02 10.69
C HIS B 73 2.55 -0.09 11.25
N GLN B 74 2.43 -1.31 10.70
CA GLN B 74 3.24 -2.44 11.14
C GLN B 74 3.92 -3.05 9.93
N GLY B 75 5.13 -3.55 10.13
CA GLY B 75 5.89 -4.17 9.08
C GLY B 75 7.38 -4.07 9.35
N THR B 76 8.15 -4.31 8.29
CA THR B 76 9.61 -4.25 8.39
C THR B 76 10.08 -2.81 8.53
N CYS B 77 11.39 -2.66 8.78
CA CYS B 77 11.97 -1.33 8.90
C CYS B 77 11.86 -0.56 7.59
N GLN B 78 12.01 -1.25 6.46
CA GLN B 78 11.94 -0.57 5.18
C GLN B 78 10.51 -0.17 4.84
N GLN B 79 9.53 -0.98 5.27
CA GLN B 79 8.13 -0.63 5.02
C GLN B 79 7.67 0.50 5.93
N VAL B 80 8.10 0.49 7.20
CA VAL B 80 7.58 1.45 8.16
C VAL B 80 8.31 2.78 8.05
N HIS B 81 9.63 2.76 7.90
CA HIS B 81 10.45 3.98 7.95
C HIS B 81 11.57 3.91 6.91
N PRO B 82 11.26 4.19 5.64
CA PRO B 82 12.28 4.30 4.60
C PRO B 82 13.18 5.53 4.78
ZN ZN C . 8.66 8.73 -7.82
ZN ZN D . 6.34 -13.43 -3.29
ZN ZN E . 0.75 -23.74 6.88
ZN ZN F . -23.47 4.06 11.69
ZN ZN G . -1.24 5.81 9.47
ZN ZN H . 12.78 -0.23 12.23
#